data_9BHB
#
_entry.id   9BHB
#
_cell.length_a   1.00
_cell.length_b   1.00
_cell.length_c   1.00
_cell.angle_alpha   90.00
_cell.angle_beta   90.00
_cell.angle_gamma   90.00
#
_symmetry.space_group_name_H-M   'P 1'
#
loop_
_entity.id
_entity.type
_entity.pdbx_description
1 polymer 'C74 heavy chain'
2 polymer 'C74 kappa chain'
3 polymer 'Erythrocyte membrane protein 1, PfEMP1'
#
loop_
_entity_poly.entity_id
_entity_poly.type
_entity_poly.pdbx_seq_one_letter_code
_entity_poly.pdbx_strand_id
1 'polypeptide(L)'
;EVQLVQSGGALVRPGGSLRLSCAASGFDFSDFEMNWVRQAPGKGLEWISYISKISAASFYADSVEGRFTISRDNTKNLLW
LEMTSLRDEDTAVYYCARDLPGYLERVFDLWGQGTLVSVSS
;
H
2 'polypeptide(L)'
;EIVLTQSPATLSLSPGEDATLSCRASQSVGSALAWYQHRPGQSPRLLIYDASTRATGIPARFSGSGSGTEFTLTVSSLTS
EDFAVYYCQEYKNSVPPTWTFGQGTKVEIKRTV
;
K
3 'polypeptide(L)'
;MGNASSSEGEAKTPSLTESHNSARNILEGYAESIKEQASKDAKIHGHHLKGDLAKAVFRHPFSAYRPNYGNPCELDYRFH
TNVWHRNAEDRNPCLFSRAKRFSNEGEAECNGGIITGNKGECGACAPYRRRHICDYNLHHINENNIRNTHDLLGNLLVMA
RSEGESIVKSHEYTGYGIYKSGICTSLARSFADIGDIIRGKDLYRRDSRTDKLEENLRKIFANIYKELKNGKKWAEAKEY
YQDDGTGNYYKLREAWWALNRKDVWKALTCSAPRDAQYFIKSSVRDQTFSNDYCGHGEHEVLTNLDYVPQFLRWFEEWAE
EFCRIKKIKLGKVKEACRDDSKKLYCSHNGYDCTKTIRNKDILSDNPKCTGCSVKCKVYELWLRNQRNEFEKQKKKYYKE
IQTYTSKDAKTDSNINNEYYKEFYDKLKNEGYETLNKFIKLLNEGRYCKEKISGERNIDFTMTGDKDAFYRSDYCQICPE
CGVQCSGTTCTPKKVIHPNCKDKETYEPGDAKTTDITVLYSGDEEGDIAQKLQDFCNDKNKENDENYEKWQCYYKSSEIN
KCQMTPSSHKVPKHGYIMSFYAFFDLWVKNLLIDSINWKNDLTNCINNTNVTDCKNDCNTNCKCFENWAKTKENEWKKVK
TIYKNENGNTNNYYKKLNNHFQGYFFHVMKELNKEEKWYKLMEDLKEKIDSSNLKNGTKDSEGAIKVLFDHLKDIAERCI
DNNSKDSC
;
A
#
# COMPACT_ATOMS: atom_id res chain seq x y z
N VAL A 2 3.29 0.19 21.49
CA VAL A 2 2.71 0.32 20.16
C VAL A 2 1.18 0.19 20.20
N GLN A 3 0.51 1.22 19.67
CA GLN A 3 -0.94 1.35 19.82
C GLN A 3 -1.44 2.39 18.83
N LEU A 4 -2.55 2.10 18.17
CA LEU A 4 -3.21 3.03 17.24
C LEU A 4 -4.66 3.19 17.69
N VAL A 5 -5.00 4.35 18.21
CA VAL A 5 -6.31 4.63 18.78
C VAL A 5 -7.04 5.58 17.85
N GLN A 6 -8.22 5.16 17.38
CA GLN A 6 -8.96 5.93 16.40
C GLN A 6 -9.94 6.87 17.10
N SER A 7 -10.85 7.47 16.33
CA SER A 7 -11.74 8.51 16.83
C SER A 7 -13.13 8.01 17.20
N GLY A 8 -13.47 6.78 16.88
CA GLY A 8 -14.82 6.31 17.15
C GLY A 8 -15.78 6.65 16.03
N GLY A 9 -16.85 5.86 15.95
CA GLY A 9 -17.78 5.99 14.83
C GLY A 9 -18.64 7.23 14.92
N ALA A 10 -19.21 7.59 13.78
CA ALA A 10 -20.06 8.77 13.70
C ALA A 10 -21.09 8.58 12.58
N LEU A 11 -22.26 9.19 12.78
CA LEU A 11 -23.35 9.17 11.81
C LEU A 11 -23.29 10.42 10.95
N VAL A 12 -23.34 10.24 9.64
CA VAL A 12 -23.20 11.34 8.69
C VAL A 12 -24.23 11.17 7.59
N ARG A 13 -24.76 12.29 7.11
CA ARG A 13 -25.71 12.26 6.01
C ARG A 13 -24.97 12.08 4.68
N PRO A 14 -25.61 11.50 3.66
CA PRO A 14 -24.93 11.33 2.37
C PRO A 14 -24.65 12.67 1.70
N GLY A 15 -23.52 12.73 1.00
CA GLY A 15 -23.03 13.98 0.47
C GLY A 15 -22.32 14.86 1.47
N GLY A 16 -22.17 14.40 2.71
CA GLY A 16 -21.55 15.20 3.76
C GLY A 16 -20.06 14.94 3.90
N SER A 17 -19.52 15.40 5.02
CA SER A 17 -18.10 15.31 5.29
C SER A 17 -17.86 14.76 6.69
N LEU A 18 -16.70 14.13 6.87
CA LEU A 18 -16.32 13.56 8.15
C LEU A 18 -14.80 13.49 8.20
N ARG A 19 -14.23 13.77 9.36
CA ARG A 19 -12.78 13.72 9.56
C ARG A 19 -12.46 12.63 10.57
N LEU A 20 -11.92 11.51 10.08
CA LEU A 20 -11.45 10.49 10.98
C LEU A 20 -10.09 10.87 11.56
N SER A 21 -9.75 10.23 12.68
CA SER A 21 -8.49 10.46 13.35
C SER A 21 -7.92 9.12 13.75
N CYS A 22 -6.61 9.08 13.93
CA CYS A 22 -5.94 7.85 14.35
C CYS A 22 -4.69 8.27 15.12
N ALA A 23 -4.80 8.32 16.44
CA ALA A 23 -3.70 8.75 17.29
C ALA A 23 -2.82 7.55 17.61
N ALA A 24 -1.54 7.62 17.25
CA ALA A 24 -0.61 6.54 17.47
C ALA A 24 0.25 6.81 18.69
N SER A 25 0.66 5.73 19.35
CA SER A 25 1.45 5.84 20.58
C SER A 25 2.41 4.67 20.65
N GLY A 26 3.48 4.86 21.43
CA GLY A 26 4.42 3.80 21.70
C GLY A 26 5.56 3.67 20.72
N PHE A 27 5.53 4.40 19.62
CA PHE A 27 6.61 4.33 18.63
C PHE A 27 6.79 5.71 18.02
N ASP A 28 7.70 5.78 17.04
CA ASP A 28 7.96 7.01 16.31
C ASP A 28 7.06 7.07 15.09
N PHE A 29 6.17 8.06 15.06
CA PHE A 29 5.20 8.19 13.97
C PHE A 29 5.85 8.61 12.66
N SER A 30 6.95 9.37 12.72
CA SER A 30 7.64 9.82 11.52
C SER A 30 8.38 8.69 10.81
N ASP A 31 8.65 7.59 11.48
CA ASP A 31 9.45 6.50 10.95
C ASP A 31 8.59 5.42 10.30
N PHE A 32 7.26 5.58 10.29
CA PHE A 32 6.37 4.53 9.85
C PHE A 32 5.38 5.08 8.83
N GLU A 33 5.17 4.32 7.76
CA GLU A 33 4.17 4.65 6.76
C GLU A 33 2.79 4.25 7.27
N MET A 34 1.78 5.03 6.92
CA MET A 34 0.44 4.84 7.45
C MET A 34 -0.52 4.42 6.35
N ASN A 35 -1.65 3.85 6.76
CA ASN A 35 -2.60 3.22 5.84
C ASN A 35 -4.00 3.37 6.37
N TRP A 36 -4.97 3.28 5.47
CA TRP A 36 -6.38 3.21 5.82
C TRP A 36 -6.98 2.02 5.09
N VAL A 37 -7.64 1.13 5.83
CA VAL A 37 -8.24 -0.08 5.28
C VAL A 37 -9.72 -0.07 5.62
N ARG A 38 -10.56 -0.33 4.62
CA ARG A 38 -12.00 -0.20 4.73
C ARG A 38 -12.66 -1.57 4.65
N GLN A 39 -13.60 -1.84 5.55
CA GLN A 39 -14.37 -3.09 5.54
C GLN A 39 -15.86 -2.77 5.55
N ALA A 40 -16.51 -2.96 4.42
CA ALA A 40 -17.96 -2.87 4.35
C ALA A 40 -18.58 -4.08 5.06
N PRO A 41 -19.82 -3.96 5.54
CA PRO A 41 -20.48 -5.12 6.18
C PRO A 41 -20.72 -6.25 5.18
N GLY A 42 -20.11 -7.39 5.45
CA GLY A 42 -20.23 -8.55 4.58
C GLY A 42 -19.58 -8.40 3.22
N LYS A 43 -18.44 -7.73 3.14
CA LYS A 43 -17.76 -7.57 1.87
C LYS A 43 -16.28 -7.93 1.99
N GLY A 44 -15.70 -7.72 3.15
CA GLY A 44 -14.29 -8.02 3.37
C GLY A 44 -13.44 -6.77 3.40
N LEU A 45 -12.14 -6.99 3.64
CA LEU A 45 -11.20 -5.90 3.77
C LEU A 45 -10.87 -5.31 2.40
N GLU A 46 -10.57 -4.00 2.40
CA GLU A 46 -10.31 -3.28 1.16
C GLU A 46 -9.51 -2.04 1.48
N TRP A 47 -8.28 -1.98 0.99
CA TRP A 47 -7.40 -0.85 1.20
C TRP A 47 -7.92 0.38 0.46
N ILE A 48 -7.86 1.56 1.11
CA ILE A 48 -8.36 2.75 0.46
C ILE A 48 -7.32 3.88 0.39
N SER A 49 -6.37 3.91 1.32
CA SER A 49 -5.43 5.04 1.34
C SER A 49 -4.07 4.61 1.87
N TYR A 50 -3.07 5.40 1.54
CA TYR A 50 -1.72 5.22 2.04
C TYR A 50 -1.05 6.59 2.06
N ILE A 51 -0.24 6.83 3.09
CA ILE A 51 0.62 7.99 3.12
C ILE A 51 2.00 7.53 3.60
N SER A 52 3.03 8.22 3.16
CA SER A 52 4.40 7.82 3.44
C SER A 52 4.84 8.36 4.80
N LYS A 53 6.15 8.27 5.06
CA LYS A 53 6.72 8.79 6.29
C LYS A 53 6.57 10.30 6.38
N ILE A 54 6.69 10.98 5.25
CA ILE A 54 6.40 12.40 5.12
C ILE A 54 5.25 12.40 4.10
N SER A 55 4.75 13.57 3.73
CA SER A 55 3.67 13.64 2.74
C SER A 55 4.19 13.63 1.30
N ALA A 56 5.35 13.03 1.06
CA ALA A 56 5.91 12.99 -0.29
C ALA A 56 5.11 12.08 -1.21
N ALA A 57 4.51 11.03 -0.66
CA ALA A 57 3.69 10.12 -1.46
C ALA A 57 2.37 9.87 -0.77
N SER A 58 1.30 9.88 -1.56
CA SER A 58 -0.04 9.58 -1.08
C SER A 58 -0.76 8.81 -2.18
N PHE A 59 -1.27 7.63 -1.83
CA PHE A 59 -1.91 6.75 -2.79
C PHE A 59 -3.34 6.47 -2.34
N TYR A 60 -4.22 6.27 -3.32
CA TYR A 60 -5.62 6.03 -3.08
C TYR A 60 -6.09 4.86 -3.93
N ALA A 61 -7.14 4.20 -3.46
CA ALA A 61 -7.80 3.19 -4.27
C ALA A 61 -8.55 3.85 -5.43
N ASP A 62 -8.86 3.06 -6.45
CA ASP A 62 -9.53 3.60 -7.63
C ASP A 62 -10.94 4.08 -7.34
N SER A 63 -11.59 3.55 -6.31
CA SER A 63 -12.95 3.94 -5.96
C SER A 63 -13.00 5.17 -5.07
N VAL A 64 -11.86 5.69 -4.62
CA VAL A 64 -11.85 6.74 -3.61
C VAL A 64 -11.05 7.96 -4.08
N GLU A 65 -10.50 7.94 -5.29
CA GLU A 65 -9.72 9.07 -5.79
C GLU A 65 -10.63 10.26 -6.08
N GLY A 66 -10.20 11.43 -5.59
CA GLY A 66 -10.96 12.65 -5.75
C GLY A 66 -11.93 12.93 -4.63
N ARG A 67 -12.30 11.90 -3.85
CA ARG A 67 -13.21 12.08 -2.73
C ARG A 67 -12.49 12.13 -1.40
N PHE A 68 -11.52 11.24 -1.16
CA PHE A 68 -10.95 11.12 0.16
C PHE A 68 -9.55 11.71 0.15
N THR A 69 -9.03 12.05 1.32
CA THR A 69 -7.71 12.65 1.44
C THR A 69 -7.06 12.19 2.74
N ILE A 70 -5.94 11.51 2.65
CA ILE A 70 -5.20 11.08 3.84
C ILE A 70 -4.12 12.11 4.15
N SER A 71 -4.06 12.53 5.41
CA SER A 71 -3.05 13.47 5.88
C SER A 71 -2.54 13.00 7.22
N ARG A 72 -1.31 13.37 7.55
CA ARG A 72 -0.74 12.98 8.83
C ARG A 72 -0.06 14.19 9.46
N ASP A 73 0.04 14.15 10.79
CA ASP A 73 0.76 15.16 11.56
C ASP A 73 1.77 14.40 12.41
N ASN A 74 2.99 14.30 11.92
CA ASN A 74 3.99 13.45 12.54
C ASN A 74 4.66 14.08 13.76
N THR A 75 4.25 15.29 14.15
CA THR A 75 4.62 15.84 15.45
C THR A 75 3.51 15.79 16.48
N LYS A 76 2.25 15.59 16.05
CA LYS A 76 1.14 15.33 16.93
C LYS A 76 0.68 13.88 16.90
N ASN A 77 1.31 13.06 16.04
CA ASN A 77 1.04 11.62 15.90
C ASN A 77 -0.41 11.32 15.56
N LEU A 78 -1.02 12.16 14.73
CA LEU A 78 -2.38 11.97 14.26
C LEU A 78 -2.39 11.69 12.77
N LEU A 79 -3.15 10.69 12.36
CA LEU A 79 -3.39 10.38 10.96
C LEU A 79 -4.87 10.65 10.67
N TRP A 80 -5.14 11.49 9.68
CA TRP A 80 -6.51 11.81 9.31
C TRP A 80 -6.88 11.19 7.98
N LEU A 81 -8.19 11.19 7.74
CA LEU A 81 -8.77 10.85 6.43
C LEU A 81 -9.96 11.78 6.28
N GLU A 82 -9.72 12.93 5.65
CA GLU A 82 -10.80 13.89 5.39
C GLU A 82 -11.72 13.31 4.33
N MET A 83 -12.98 13.09 4.70
CA MET A 83 -13.93 12.40 3.84
C MET A 83 -14.84 13.43 3.21
N THR A 84 -15.08 13.30 1.90
CA THR A 84 -15.84 14.31 1.18
C THR A 84 -16.70 13.62 0.13
N SER A 85 -17.97 14.07 0.03
CA SER A 85 -18.98 13.56 -0.90
C SER A 85 -19.22 12.07 -0.70
N LEU A 86 -19.70 11.75 0.51
CA LEU A 86 -19.88 10.37 0.93
C LEU A 86 -21.11 9.77 0.28
N ARG A 87 -20.93 8.64 -0.40
CA ARG A 87 -22.04 7.95 -1.04
C ARG A 87 -22.68 6.96 -0.07
N ASP A 88 -23.59 6.14 -0.56
CA ASP A 88 -24.25 5.14 0.27
C ASP A 88 -23.45 3.85 0.39
N GLU A 89 -22.41 3.66 -0.42
CA GLU A 89 -21.58 2.48 -0.35
C GLU A 89 -20.37 2.66 0.56
N ASP A 90 -20.27 3.80 1.23
CA ASP A 90 -19.19 4.05 2.18
C ASP A 90 -19.59 3.76 3.62
N THR A 91 -20.76 3.16 3.84
CA THR A 91 -21.09 2.64 5.16
C THR A 91 -20.22 1.42 5.42
N ALA A 92 -19.26 1.55 6.33
CA ALA A 92 -18.22 0.56 6.51
C ALA A 92 -17.54 0.76 7.85
N VAL A 93 -16.55 -0.09 8.11
CA VAL A 93 -15.67 0.03 9.27
C VAL A 93 -14.29 0.41 8.75
N TYR A 94 -13.74 1.50 9.27
CA TYR A 94 -12.49 2.05 8.76
C TYR A 94 -11.37 1.72 9.73
N TYR A 95 -10.33 1.08 9.22
CA TYR A 95 -9.21 0.61 10.01
C TYR A 95 -7.96 1.42 9.68
N CYS A 96 -7.21 1.77 10.71
CA CYS A 96 -5.97 2.53 10.59
C CYS A 96 -4.81 1.58 10.79
N ALA A 97 -4.01 1.39 9.74
CA ALA A 97 -2.98 0.36 9.73
C ALA A 97 -1.60 0.99 9.62
N ARG A 98 -0.61 0.29 10.18
CA ARG A 98 0.78 0.72 10.14
C ARG A 98 1.54 -0.21 9.19
N ASP A 99 2.39 0.38 8.36
CA ASP A 99 3.14 -0.37 7.37
C ASP A 99 4.51 -0.75 7.95
N LEU A 100 5.01 -1.92 7.56
CA LEU A 100 6.35 -2.33 8.01
C LEU A 100 7.43 -1.45 7.39
N PRO A 101 8.60 -1.36 8.04
CA PRO A 101 9.75 -0.72 7.41
C PRO A 101 10.16 -1.45 6.14
N GLY A 102 10.57 -0.67 5.14
CA GLY A 102 10.81 -1.19 3.82
C GLY A 102 9.71 -0.74 2.89
N TYR A 103 10.08 -0.04 1.81
CA TYR A 103 9.09 0.42 0.86
C TYR A 103 8.63 -0.68 -0.08
N LEU A 104 9.39 -1.76 -0.20
CA LEU A 104 8.93 -2.90 -0.97
C LEU A 104 7.89 -3.70 -0.20
N GLU A 105 8.11 -3.91 1.09
CA GLU A 105 7.20 -4.68 1.95
C GLU A 105 6.00 -3.79 2.30
N ARG A 106 4.97 -3.86 1.46
CA ARG A 106 3.82 -2.98 1.58
C ARG A 106 2.66 -3.71 2.25
N VAL A 107 2.90 -4.09 3.51
CA VAL A 107 1.94 -4.84 4.30
C VAL A 107 1.43 -3.95 5.41
N PHE A 108 0.41 -4.43 6.13
CA PHE A 108 -0.25 -3.69 7.19
C PHE A 108 0.05 -4.38 8.51
N ASP A 109 1.00 -3.84 9.26
CA ASP A 109 1.55 -4.55 10.41
C ASP A 109 0.62 -4.48 11.62
N LEU A 110 0.38 -3.29 12.14
CA LEU A 110 -0.40 -3.14 13.35
C LEU A 110 -1.59 -2.23 13.04
N TRP A 111 -2.75 -2.60 13.54
CA TRP A 111 -4.02 -2.02 13.11
C TRP A 111 -4.65 -1.23 14.25
N GLY A 112 -5.62 -0.39 13.89
CA GLY A 112 -6.34 0.40 14.85
C GLY A 112 -7.54 -0.33 15.43
N GLN A 113 -8.30 0.39 16.25
CA GLN A 113 -9.43 -0.19 16.96
C GLN A 113 -10.67 -0.34 16.08
N GLY A 114 -10.72 0.30 14.92
CA GLY A 114 -11.90 0.26 14.08
C GLY A 114 -12.81 1.46 14.31
N THR A 115 -13.49 1.87 13.24
CA THR A 115 -14.39 3.03 13.30
C THR A 115 -15.53 2.77 12.33
N LEU A 116 -16.72 2.52 12.86
CA LEU A 116 -17.88 2.27 12.02
C LEU A 116 -18.44 3.60 11.54
N VAL A 117 -18.23 3.91 10.27
CA VAL A 117 -18.82 5.08 9.64
C VAL A 117 -20.05 4.59 8.89
N SER A 118 -21.21 5.11 9.23
CA SER A 118 -22.47 4.73 8.61
C SER A 118 -23.14 5.97 8.06
N VAL A 119 -23.58 5.90 6.81
CA VAL A 119 -24.31 6.99 6.20
C VAL A 119 -25.79 6.62 6.17
N SER A 120 -26.63 7.63 6.03
CA SER A 120 -28.07 7.43 6.09
C SER A 120 -28.80 8.08 4.92
N ILE B 2 -3.56 -7.41 -8.16
CA ILE B 2 -3.64 -8.74 -8.84
C ILE B 2 -4.79 -9.55 -8.20
N VAL B 3 -5.67 -10.10 -9.03
CA VAL B 3 -6.84 -10.87 -8.50
C VAL B 3 -6.35 -11.98 -7.57
N LEU B 4 -6.83 -12.01 -6.32
CA LEU B 4 -6.44 -13.07 -5.37
C LEU B 4 -7.68 -13.91 -5.03
N THR B 5 -7.59 -15.24 -5.17
CA THR B 5 -8.77 -16.10 -4.95
C THR B 5 -8.56 -16.98 -3.75
N GLN B 6 -9.42 -16.87 -2.73
CA GLN B 6 -9.34 -17.76 -1.55
C GLN B 6 -10.26 -18.96 -1.78
N SER B 7 -9.73 -20.04 -2.37
CA SER B 7 -10.55 -21.23 -2.71
C SER B 7 -11.20 -21.87 -1.46
N PRO B 8 -10.48 -22.11 -0.34
CA PRO B 8 -11.08 -22.80 0.79
C PRO B 8 -12.39 -22.16 1.26
N ALA B 9 -12.45 -20.83 1.24
CA ALA B 9 -13.67 -20.12 1.72
C ALA B 9 -14.04 -20.65 3.11
N THR B 10 -15.33 -20.92 3.34
CA THR B 10 -15.77 -21.46 4.64
C THR B 10 -15.17 -22.84 4.81
N LEU B 11 -14.56 -23.11 5.98
CA LEU B 11 -13.89 -24.41 6.22
C LEU B 11 -14.35 -24.98 7.57
N SER B 12 -15.14 -26.07 7.53
CA SER B 12 -15.61 -26.74 8.77
C SER B 12 -14.52 -27.68 9.28
N LEU B 13 -13.76 -27.26 10.30
CA LEU B 13 -12.64 -28.09 10.82
C LEU B 13 -12.71 -28.15 12.36
N SER B 14 -12.30 -29.28 12.94
CA SER B 14 -12.30 -29.42 14.42
C SER B 14 -11.14 -28.62 15.03
N PRO B 15 -11.27 -28.08 16.26
CA PRO B 15 -10.17 -27.38 16.91
C PRO B 15 -9.01 -28.31 17.23
N GLY B 16 -7.78 -27.79 17.21
CA GLY B 16 -6.60 -28.60 17.56
C GLY B 16 -6.03 -29.31 16.35
N GLU B 17 -6.64 -29.08 15.17
CA GLU B 17 -6.17 -29.77 13.93
C GLU B 17 -5.37 -28.79 13.08
N ASP B 18 -4.74 -29.28 12.01
CA ASP B 18 -3.98 -28.38 11.09
C ASP B 18 -4.89 -27.99 9.93
N ALA B 19 -4.82 -26.73 9.49
CA ALA B 19 -5.72 -26.24 8.41
C ALA B 19 -4.90 -25.61 7.29
N THR B 20 -5.08 -26.09 6.05
CA THR B 20 -4.38 -25.49 4.93
C THR B 20 -5.33 -24.62 4.12
N LEU B 21 -4.77 -23.57 3.52
CA LEU B 21 -5.54 -22.57 2.80
C LEU B 21 -4.91 -22.37 1.43
N SER B 22 -5.47 -21.46 0.64
CA SER B 22 -4.89 -21.14 -0.65
C SER B 22 -5.21 -19.70 -1.01
N CYS B 23 -4.38 -19.13 -1.88
CA CYS B 23 -4.58 -17.78 -2.40
C CYS B 23 -3.99 -17.74 -3.80
N ARG B 24 -4.84 -17.98 -4.80
CA ARG B 24 -4.41 -18.07 -6.18
C ARG B 24 -4.39 -16.68 -6.79
N ALA B 25 -3.25 -16.29 -7.34
CA ALA B 25 -3.10 -14.99 -7.99
C ALA B 25 -3.32 -15.12 -9.49
N SER B 26 -3.93 -14.09 -10.07
CA SER B 26 -4.17 -14.11 -11.51
C SER B 26 -2.88 -13.88 -12.30
N GLN B 27 -1.93 -13.17 -11.72
CA GLN B 27 -0.66 -12.85 -12.38
C GLN B 27 0.49 -13.36 -11.50
N SER B 28 1.68 -13.38 -12.09
CA SER B 28 2.87 -13.78 -11.37
C SER B 28 3.31 -12.65 -10.46
N VAL B 29 3.20 -12.85 -9.15
CA VAL B 29 3.49 -11.81 -8.16
C VAL B 29 4.89 -11.99 -7.58
N GLY B 30 5.23 -13.20 -7.14
CA GLY B 30 6.52 -13.49 -6.55
C GLY B 30 6.37 -13.91 -5.10
N SER B 31 7.24 -13.38 -4.24
CA SER B 31 7.11 -13.55 -2.81
C SER B 31 6.35 -12.38 -2.17
N ALA B 32 5.73 -11.53 -2.97
CA ALA B 32 5.09 -10.31 -2.47
C ALA B 32 3.63 -10.59 -2.14
N LEU B 33 3.42 -11.44 -1.15
CA LEU B 33 2.07 -11.71 -0.68
C LEU B 33 2.07 -11.86 0.83
N ALA B 34 1.04 -11.31 1.47
CA ALA B 34 0.90 -11.32 2.91
C ALA B 34 -0.36 -12.08 3.31
N TRP B 35 -0.48 -12.38 4.61
CA TRP B 35 -1.64 -13.07 5.16
C TRP B 35 -2.09 -12.38 6.43
N TYR B 36 -3.41 -12.38 6.65
CA TYR B 36 -4.03 -11.68 7.76
C TYR B 36 -5.01 -12.60 8.47
N GLN B 37 -5.38 -12.20 9.69
CA GLN B 37 -6.32 -12.97 10.50
C GLN B 37 -7.30 -12.00 11.14
N HIS B 38 -8.56 -12.03 10.71
CA HIS B 38 -9.60 -11.17 11.29
C HIS B 38 -10.39 -11.98 12.29
N ARG B 39 -9.91 -12.00 13.54
CA ARG B 39 -10.62 -12.66 14.62
C ARG B 39 -11.92 -11.91 14.94
N PRO B 40 -12.97 -12.62 15.34
CA PRO B 40 -14.27 -11.97 15.57
C PRO B 40 -14.24 -11.04 16.77
N GLY B 41 -14.80 -9.85 16.60
CA GLY B 41 -14.74 -8.84 17.64
C GLY B 41 -13.39 -8.18 17.81
N GLN B 42 -12.53 -8.26 16.80
CA GLN B 42 -11.18 -7.75 16.93
C GLN B 42 -10.67 -7.25 15.58
N SER B 43 -9.63 -6.42 15.64
CA SER B 43 -8.99 -5.91 14.44
C SER B 43 -8.21 -7.03 13.75
N PRO B 44 -7.95 -6.90 12.45
CA PRO B 44 -7.06 -7.86 11.78
C PRO B 44 -5.63 -7.74 12.30
N ARG B 45 -4.89 -8.81 12.15
CA ARG B 45 -3.48 -8.82 12.49
C ARG B 45 -2.70 -9.47 11.37
N LEU B 46 -1.44 -9.10 11.24
CA LEU B 46 -0.57 -9.66 10.22
C LEU B 46 0.05 -10.95 10.74
N LEU B 47 0.02 -11.99 9.92
CA LEU B 47 0.61 -13.27 10.25
C LEU B 47 1.91 -13.49 9.48
N ILE B 48 1.86 -13.42 8.16
CA ILE B 48 2.97 -13.63 7.25
C ILE B 48 3.03 -12.43 6.33
N TYR B 49 4.23 -11.93 6.03
CA TYR B 49 4.32 -10.75 5.16
C TYR B 49 5.17 -10.94 3.90
N ASP B 50 5.77 -12.11 3.67
CA ASP B 50 6.49 -12.39 2.43
C ASP B 50 6.11 -13.73 1.83
N ALA B 51 4.91 -14.22 2.16
CA ALA B 51 4.33 -15.52 1.76
C ALA B 51 5.11 -16.74 2.28
N SER B 52 6.17 -16.51 3.07
CA SER B 52 6.86 -17.58 3.78
C SER B 52 7.26 -17.24 5.20
N THR B 53 7.30 -15.96 5.58
CA THR B 53 7.90 -15.54 6.84
C THR B 53 6.87 -15.61 7.97
N ARG B 54 7.20 -15.00 9.10
CA ARG B 54 6.31 -14.93 10.25
C ARG B 54 6.48 -13.57 10.91
N ALA B 55 5.37 -12.88 11.16
CA ALA B 55 5.42 -11.54 11.71
C ALA B 55 5.77 -11.59 13.20
N THR B 56 6.13 -10.43 13.74
CA THR B 56 6.56 -10.33 15.13
C THR B 56 5.36 -10.43 16.06
N GLY B 57 5.46 -11.29 17.07
CA GLY B 57 4.36 -11.56 17.97
C GLY B 57 3.44 -12.65 17.52
N ILE B 58 3.88 -13.49 16.59
CA ILE B 58 3.05 -14.53 15.99
C ILE B 58 3.68 -15.87 16.36
N PRO B 59 2.89 -16.83 16.85
CA PRO B 59 3.46 -18.15 17.18
C PRO B 59 3.90 -18.91 15.93
N ALA B 60 4.78 -19.89 16.16
CA ALA B 60 5.43 -20.60 15.06
C ALA B 60 4.50 -21.55 14.32
N ARG B 61 3.28 -21.76 14.80
CA ARG B 61 2.31 -22.60 14.11
C ARG B 61 1.72 -21.94 12.88
N PHE B 62 1.89 -20.63 12.71
CA PHE B 62 1.46 -19.93 11.51
C PHE B 62 2.61 -19.97 10.51
N SER B 63 2.49 -20.82 9.50
CA SER B 63 3.53 -20.99 8.50
C SER B 63 2.91 -20.97 7.10
N GLY B 64 3.70 -20.53 6.12
CA GLY B 64 3.20 -20.42 4.76
C GLY B 64 4.27 -20.68 3.73
N SER B 65 3.81 -20.80 2.49
CA SER B 65 4.67 -21.17 1.38
C SER B 65 4.05 -20.66 0.09
N GLY B 66 4.86 -20.60 -0.95
CA GLY B 66 4.36 -20.12 -2.24
C GLY B 66 5.22 -18.96 -2.73
N SER B 67 5.59 -19.03 -4.00
CA SER B 67 6.45 -18.01 -4.59
C SER B 67 6.06 -17.62 -6.01
N GLY B 68 4.99 -18.17 -6.56
CA GLY B 68 4.59 -17.83 -7.92
C GLY B 68 3.21 -17.24 -8.01
N THR B 69 2.26 -18.02 -8.51
CA THR B 69 0.86 -17.65 -8.49
C THR B 69 0.05 -18.44 -7.46
N GLU B 70 0.60 -19.53 -6.94
CA GLU B 70 -0.06 -20.35 -5.94
C GLU B 70 0.56 -20.08 -4.58
N PHE B 71 -0.28 -19.78 -3.60
CA PHE B 71 0.16 -19.46 -2.25
C PHE B 71 -0.68 -20.26 -1.27
N THR B 72 -0.12 -20.54 -0.10
CA THR B 72 -0.77 -21.44 0.84
C THR B 72 -0.35 -21.07 2.26
N LEU B 73 -1.33 -20.86 3.14
CA LEU B 73 -1.09 -20.67 4.56
C LEU B 73 -1.52 -21.91 5.32
N THR B 74 -0.61 -22.46 6.11
CA THR B 74 -0.88 -23.66 6.91
C THR B 74 -0.81 -23.29 8.38
N VAL B 75 -1.95 -23.26 9.05
CA VAL B 75 -2.03 -23.06 10.48
C VAL B 75 -2.26 -24.41 11.15
N SER B 76 -1.52 -24.68 12.22
CA SER B 76 -1.52 -25.96 12.89
C SER B 76 -2.02 -25.79 14.33
N SER B 77 -2.71 -26.83 14.81
CA SER B 77 -3.24 -26.93 16.18
C SER B 77 -4.19 -25.76 16.49
N LEU B 78 -5.31 -25.77 15.77
CA LEU B 78 -6.33 -24.72 15.82
C LEU B 78 -6.87 -24.49 17.23
N THR B 79 -6.57 -23.33 17.80
CA THR B 79 -7.08 -22.98 19.11
C THR B 79 -8.46 -22.30 18.96
N SER B 80 -8.97 -21.74 20.05
CA SER B 80 -10.29 -21.10 19.99
C SER B 80 -10.28 -19.83 19.16
N GLU B 81 -9.14 -19.13 19.10
CA GLU B 81 -9.06 -17.87 18.38
C GLU B 81 -8.59 -18.04 16.93
N ASP B 82 -8.26 -19.25 16.51
CA ASP B 82 -7.89 -19.48 15.12
C ASP B 82 -9.09 -19.61 14.19
N PHE B 83 -10.29 -19.71 14.73
CA PHE B 83 -11.50 -19.78 13.92
C PHE B 83 -11.91 -18.37 13.60
N ALA B 84 -11.41 -17.88 12.47
CA ALA B 84 -11.53 -16.49 12.08
C ALA B 84 -11.73 -16.44 10.57
N VAL B 85 -11.55 -15.25 9.99
CA VAL B 85 -11.56 -15.07 8.56
C VAL B 85 -10.17 -14.62 8.14
N TYR B 86 -9.57 -15.32 7.19
CA TYR B 86 -8.18 -15.11 6.79
C TYR B 86 -8.13 -14.47 5.41
N TYR B 87 -7.38 -13.39 5.28
CA TYR B 87 -7.26 -12.63 4.05
C TYR B 87 -5.82 -12.73 3.55
N CYS B 88 -5.67 -12.59 2.23
CA CYS B 88 -4.36 -12.62 1.59
C CYS B 88 -4.21 -11.38 0.73
N GLN B 89 -3.09 -10.69 0.88
CA GLN B 89 -2.86 -9.42 0.21
C GLN B 89 -1.59 -9.48 -0.61
N GLU B 90 -1.69 -9.09 -1.88
CA GLU B 90 -0.52 -8.93 -2.72
C GLU B 90 -0.01 -7.49 -2.63
N TYR B 91 1.30 -7.33 -2.74
CA TYR B 91 1.92 -6.00 -2.71
C TYR B 91 3.01 -5.94 -3.79
N LYS B 92 2.66 -6.46 -4.97
CA LYS B 92 3.57 -6.61 -6.10
C LYS B 92 4.17 -5.27 -6.53
N ASN B 93 5.47 -5.29 -6.82
CA ASN B 93 6.22 -4.09 -7.15
C ASN B 93 6.09 -3.75 -8.63
N SER B 94 4.85 -3.49 -9.03
CA SER B 94 4.52 -2.99 -10.34
C SER B 94 4.10 -1.53 -10.22
N VAL B 95 4.02 -0.86 -11.36
CA VAL B 95 3.61 0.54 -11.41
C VAL B 95 2.31 0.62 -12.18
N PRO B 96 1.22 1.15 -11.60
CA PRO B 96 1.04 1.66 -10.23
C PRO B 96 0.94 0.57 -9.17
N PRO B 97 1.28 0.87 -7.92
CA PRO B 97 1.24 -0.14 -6.86
C PRO B 97 -0.20 -0.47 -6.47
N THR B 98 -0.46 -1.74 -6.20
CA THR B 98 -1.78 -2.20 -5.81
C THR B 98 -1.72 -2.90 -4.47
N TRP B 99 -2.79 -2.73 -3.69
CA TRP B 99 -3.00 -3.34 -2.37
C TRP B 99 -4.30 -4.12 -2.46
N THR B 100 -4.24 -5.33 -3.00
CA THR B 100 -5.45 -6.09 -3.31
C THR B 100 -5.58 -7.23 -2.30
N PHE B 101 -6.74 -7.31 -1.65
CA PHE B 101 -7.05 -8.42 -0.76
C PHE B 101 -7.77 -9.55 -1.50
N GLY B 102 -7.98 -10.65 -0.78
CA GLY B 102 -8.84 -11.72 -1.23
C GLY B 102 -10.23 -11.57 -0.67
N GLN B 103 -11.10 -12.52 -1.04
CA GLN B 103 -12.48 -12.48 -0.57
C GLN B 103 -12.57 -12.81 0.92
N GLY B 104 -11.66 -13.65 1.40
CA GLY B 104 -11.65 -14.03 2.80
C GLY B 104 -12.10 -15.46 3.01
N THR B 105 -11.15 -16.38 3.18
CA THR B 105 -11.50 -17.72 3.59
C THR B 105 -11.84 -17.72 5.08
N LYS B 106 -12.65 -18.70 5.48
CA LYS B 106 -13.16 -18.74 6.85
C LYS B 106 -12.99 -20.14 7.40
N VAL B 107 -12.50 -20.23 8.63
CA VAL B 107 -12.33 -21.50 9.31
C VAL B 107 -13.34 -21.57 10.44
N GLU B 108 -14.16 -22.63 10.44
CA GLU B 108 -15.23 -22.78 11.42
C GLU B 108 -15.14 -24.17 12.05
N ILE B 109 -15.76 -24.29 13.21
CA ILE B 109 -15.76 -25.55 13.96
C ILE B 109 -16.77 -26.50 13.32
N LYS B 110 -16.33 -27.72 12.98
CA LYS B 110 -17.24 -28.68 12.40
C LYS B 110 -17.92 -29.50 13.49
N ARG B 111 -19.15 -29.95 13.19
CA ARG B 111 -19.98 -30.68 14.13
C ARG B 111 -20.64 -31.85 13.43
N THR B 112 -21.63 -32.47 14.06
CA THR B 112 -22.35 -33.58 13.47
C THR B 112 -23.26 -33.12 12.33
N SER C 579 11.57 -9.17 -18.66
CA SER C 579 10.45 -8.75 -19.50
C SER C 579 10.63 -7.31 -19.95
N PHE C 580 9.74 -6.83 -20.82
CA PHE C 580 9.84 -5.45 -21.29
C PHE C 580 9.39 -4.46 -20.23
N TYR C 581 8.33 -4.80 -19.48
CA TYR C 581 7.82 -3.92 -18.44
C TYR C 581 8.82 -3.79 -17.30
N ALA C 582 9.49 -4.89 -16.94
CA ALA C 582 10.51 -4.83 -15.88
C ALA C 582 11.71 -4.01 -16.32
N PHE C 583 12.11 -4.12 -17.60
CA PHE C 583 13.18 -3.29 -18.13
C PHE C 583 12.78 -1.82 -18.15
N PHE C 584 11.53 -1.53 -18.48
CA PHE C 584 11.04 -0.16 -18.49
C PHE C 584 11.02 0.43 -17.07
N ASP C 585 10.60 -0.37 -16.09
CA ASP C 585 10.63 0.07 -14.69
C ASP C 585 12.06 0.28 -14.21
N LEU C 586 12.99 -0.60 -14.61
CA LEU C 586 14.40 -0.41 -14.25
C LEU C 586 14.97 0.85 -14.87
N TRP C 587 14.61 1.13 -16.12
CA TRP C 587 15.13 2.30 -16.80
C TRP C 587 14.57 3.59 -16.21
N VAL C 588 13.26 3.64 -15.96
CA VAL C 588 12.67 4.83 -15.36
C VAL C 588 13.13 5.00 -13.91
N LYS C 589 13.30 3.89 -13.17
CA LYS C 589 13.84 3.93 -11.82
C LYS C 589 15.25 4.50 -11.78
N ASN C 590 16.12 4.01 -12.68
CA ASN C 590 17.49 4.49 -12.71
C ASN C 590 17.58 5.93 -13.22
N LEU C 591 16.70 6.31 -14.15
CA LEU C 591 16.63 7.69 -14.62
C LEU C 591 16.22 8.64 -13.51
N LEU C 592 15.22 8.25 -12.71
CA LEU C 592 14.79 9.10 -11.59
C LEU C 592 15.85 9.15 -10.49
N ILE C 593 16.50 8.02 -10.21
CA ILE C 593 17.55 7.98 -9.18
C ILE C 593 18.74 8.84 -9.60
N ASP C 594 19.17 8.73 -10.85
CA ASP C 594 20.29 9.54 -11.32
C ASP C 594 19.91 11.00 -11.49
N SER C 595 18.65 11.30 -11.80
CA SER C 595 18.21 12.70 -11.87
C SER C 595 18.17 13.32 -10.48
N ILE C 596 17.74 12.54 -9.47
CA ILE C 596 17.77 12.99 -8.08
C ILE C 596 19.21 13.21 -7.62
N ASN C 597 20.12 12.29 -7.98
CA ASN C 597 21.52 12.44 -7.61
C ASN C 597 22.19 13.61 -8.34
N TRP C 598 21.79 13.88 -9.58
CA TRP C 598 22.35 15.00 -10.32
C TRP C 598 21.77 16.34 -9.87
N LYS C 599 20.55 16.36 -9.35
CA LYS C 599 20.01 17.59 -8.77
C LYS C 599 20.63 17.93 -7.43
N ASN C 600 21.31 16.99 -6.79
CA ASN C 600 21.97 17.25 -5.51
C ASN C 600 23.48 17.14 -5.66
N ASN C 621 30.58 20.77 -13.42
CA ASN C 621 29.85 19.51 -13.53
C ASN C 621 28.63 19.65 -14.43
N CYS C 622 28.32 20.90 -14.80
CA CYS C 622 27.15 21.14 -15.66
C CYS C 622 27.38 20.65 -17.07
N LYS C 623 28.63 20.61 -17.53
CA LYS C 623 28.91 20.07 -18.87
C LYS C 623 28.75 18.54 -18.88
N CYS C 624 29.17 17.87 -17.82
CA CYS C 624 28.98 16.43 -17.74
C CYS C 624 27.52 16.07 -17.49
N PHE C 625 26.77 16.95 -16.81
CA PHE C 625 25.36 16.71 -16.59
C PHE C 625 24.54 16.95 -17.85
N GLU C 626 24.89 17.98 -18.63
CA GLU C 626 24.19 18.23 -19.89
C GLU C 626 24.50 17.15 -20.91
N ASN C 627 25.71 16.60 -20.88
CA ASN C 627 26.03 15.46 -21.73
C ASN C 627 25.33 14.20 -21.23
N TRP C 628 25.09 14.10 -19.92
CA TRP C 628 24.33 12.98 -19.39
C TRP C 628 22.85 13.06 -19.77
N ALA C 629 22.26 14.26 -19.66
CA ALA C 629 20.85 14.42 -19.99
C ALA C 629 20.60 14.31 -21.49
N LYS C 630 21.61 14.63 -22.30
CA LYS C 630 21.51 14.38 -23.73
C LYS C 630 21.64 12.89 -24.04
N THR C 631 22.38 12.15 -23.20
CA THR C 631 22.52 10.72 -23.40
C THR C 631 21.24 9.98 -23.04
N LYS C 632 20.62 10.32 -21.91
CA LYS C 632 19.40 9.65 -21.48
C LYS C 632 18.22 10.00 -22.37
N GLU C 633 18.22 11.20 -22.98
CA GLU C 633 17.11 11.57 -23.85
C GLU C 633 17.18 10.85 -25.18
N ASN C 634 18.39 10.54 -25.67
CA ASN C 634 18.51 9.70 -26.85
C ASN C 634 18.18 8.24 -26.54
N GLU C 635 18.37 7.82 -25.29
CA GLU C 635 17.92 6.50 -24.87
C GLU C 635 16.43 6.44 -24.63
N TRP C 636 15.77 7.59 -24.51
CA TRP C 636 14.32 7.60 -24.39
C TRP C 636 13.64 7.37 -25.75
N LYS C 637 14.28 7.81 -26.84
CA LYS C 637 13.67 7.66 -28.16
C LYS C 637 13.72 6.22 -28.66
N LYS C 638 14.71 5.42 -28.25
CA LYS C 638 14.68 4.00 -28.61
C LYS C 638 13.68 3.23 -27.78
N VAL C 639 13.27 3.76 -26.62
CA VAL C 639 12.25 3.10 -25.81
C VAL C 639 10.85 3.53 -26.26
N LYS C 640 10.66 4.82 -26.47
CA LYS C 640 9.37 5.33 -26.95
C LYS C 640 9.21 5.09 -28.45
N TYR C 654 -1.31 5.98 -20.63
CA TYR C 654 -0.07 5.70 -19.92
C TYR C 654 -0.32 5.57 -18.43
N LYS C 655 -0.48 4.32 -17.97
CA LYS C 655 -0.72 4.06 -16.55
C LYS C 655 0.51 4.35 -15.71
N LYS C 656 1.70 4.14 -16.28
CA LYS C 656 2.94 4.21 -15.51
C LYS C 656 3.46 5.64 -15.44
N LEU C 657 3.50 6.31 -16.58
CA LEU C 657 4.03 7.66 -16.69
C LEU C 657 2.88 8.67 -16.69
N ASN C 658 2.14 8.72 -15.59
CA ASN C 658 0.81 9.31 -15.66
C ASN C 658 0.85 10.84 -15.64
N ASN C 659 1.30 11.46 -14.56
CA ASN C 659 1.53 12.91 -14.58
C ASN C 659 2.96 13.28 -14.29
N HIS C 660 3.48 12.97 -13.11
CA HIS C 660 4.85 13.27 -12.73
C HIS C 660 5.44 12.15 -11.88
N PHE C 661 5.29 10.91 -12.34
CA PHE C 661 5.93 9.71 -11.81
C PHE C 661 5.47 9.40 -10.38
N GLN C 662 4.15 9.27 -10.20
CA GLN C 662 3.66 8.96 -8.86
C GLN C 662 3.96 7.52 -8.46
N GLY C 663 3.72 6.58 -9.37
CA GLY C 663 3.76 5.17 -9.06
C GLY C 663 5.14 4.55 -8.96
N TYR C 664 6.21 5.30 -9.18
CA TYR C 664 7.56 4.78 -9.12
C TYR C 664 8.20 5.01 -7.76
N PHE C 665 7.39 5.32 -6.75
CA PHE C 665 7.87 5.80 -5.47
C PHE C 665 8.61 4.70 -4.71
N PHE C 666 8.01 3.51 -4.61
CA PHE C 666 8.62 2.43 -3.87
C PHE C 666 9.82 1.84 -4.61
N HIS C 667 9.75 1.83 -5.95
CA HIS C 667 10.90 1.43 -6.76
C HIS C 667 12.10 2.35 -6.51
N VAL C 668 11.86 3.67 -6.50
CA VAL C 668 12.95 4.62 -6.29
C VAL C 668 13.50 4.53 -4.87
N MET C 669 12.62 4.44 -3.86
CA MET C 669 13.14 4.46 -2.50
C MET C 669 13.40 3.10 -1.89
N LYS C 670 13.35 2.02 -2.68
CA LYS C 670 14.08 0.83 -2.28
C LYS C 670 15.57 1.13 -2.21
N GLU C 671 16.07 1.97 -3.13
CA GLU C 671 17.48 2.32 -3.20
C GLU C 671 17.80 3.74 -2.78
N LEU C 672 16.80 4.57 -2.49
CA LEU C 672 17.09 5.98 -2.16
C LEU C 672 17.00 6.26 -0.66
N ASN C 673 15.85 5.97 -0.05
CA ASN C 673 15.61 6.01 1.41
C ASN C 673 15.78 7.41 2.01
N LYS C 674 15.59 8.47 1.21
CA LYS C 674 15.60 9.86 1.72
C LYS C 674 14.46 10.61 1.05
N GLU C 675 13.35 10.79 1.77
CA GLU C 675 12.11 11.22 1.13
C GLU C 675 12.10 12.71 0.84
N GLU C 676 13.05 13.47 1.38
CA GLU C 676 13.14 14.89 1.03
C GLU C 676 13.58 15.05 -0.42
N LYS C 677 14.41 14.12 -0.91
CA LYS C 677 14.80 14.09 -2.32
C LYS C 677 13.59 13.84 -3.22
N TRP C 678 12.75 12.87 -2.85
CA TRP C 678 11.55 12.58 -3.62
C TRP C 678 10.57 13.73 -3.58
N TYR C 679 10.40 14.36 -2.41
CA TYR C 679 9.47 15.48 -2.31
C TYR C 679 9.96 16.69 -3.09
N LYS C 680 11.28 16.92 -3.11
CA LYS C 680 11.85 17.99 -3.92
C LYS C 680 11.68 17.72 -5.41
N LEU C 681 11.86 16.46 -5.84
CA LEU C 681 11.64 16.12 -7.25
C LEU C 681 10.17 16.28 -7.64
N MET C 682 9.25 15.88 -6.77
CA MET C 682 7.83 16.02 -7.08
C MET C 682 7.39 17.48 -7.10
N GLU C 683 7.91 18.30 -6.19
CA GLU C 683 7.60 19.73 -6.22
C GLU C 683 8.18 20.41 -7.46
N ASP C 684 9.39 20.03 -7.87
CA ASP C 684 9.98 20.59 -9.08
C ASP C 684 9.21 20.19 -10.32
N LEU C 685 8.77 18.94 -10.41
CA LEU C 685 7.99 18.51 -11.55
C LEU C 685 6.58 19.13 -11.55
N LYS C 686 5.99 19.32 -10.37
CA LYS C 686 4.67 19.96 -10.30
C LYS C 686 4.74 21.43 -10.71
N GLU C 687 5.79 22.15 -10.26
CA GLU C 687 5.91 23.53 -10.70
C GLU C 687 6.33 23.64 -12.16
N LYS C 688 7.03 22.64 -12.70
CA LYS C 688 7.31 22.63 -14.13
C LYS C 688 6.04 22.40 -14.95
N ILE C 689 5.15 21.53 -14.46
CA ILE C 689 3.87 21.31 -15.12
C ILE C 689 3.01 22.58 -15.04
N ASP C 690 3.02 23.26 -13.88
CA ASP C 690 2.26 24.50 -13.74
C ASP C 690 2.85 25.62 -14.60
N SER C 691 4.16 25.65 -14.80
CA SER C 691 4.76 26.64 -15.68
C SER C 691 4.48 26.34 -17.15
N SER C 692 4.43 25.07 -17.53
CA SER C 692 4.16 24.73 -18.92
C SER C 692 2.71 25.01 -19.29
N ASN C 693 1.77 24.80 -18.37
CA ASN C 693 0.36 25.05 -18.63
C ASN C 693 0.06 26.54 -18.60
N GLY C 703 4.88 11.66 -21.77
CA GLY C 703 4.19 12.72 -21.04
C GLY C 703 4.95 13.18 -19.81
N ALA C 704 5.15 12.27 -18.87
CA ALA C 704 5.90 12.60 -17.66
C ALA C 704 7.39 12.67 -17.91
N ILE C 705 7.90 11.90 -18.87
CA ILE C 705 9.32 11.92 -19.20
C ILE C 705 9.71 13.24 -19.85
N LYS C 706 8.84 13.75 -20.73
CA LYS C 706 9.12 15.01 -21.43
C LYS C 706 9.12 16.19 -20.47
N VAL C 707 8.26 16.16 -19.45
CA VAL C 707 8.27 17.19 -18.41
C VAL C 707 9.57 17.11 -17.61
N LEU C 708 10.04 15.90 -17.31
CA LEU C 708 11.30 15.72 -16.62
C LEU C 708 12.49 16.22 -17.44
N PHE C 709 12.51 15.91 -18.73
CA PHE C 709 13.64 16.31 -19.56
C PHE C 709 13.64 17.80 -19.87
N ASP C 710 12.47 18.44 -19.89
CA ASP C 710 12.46 19.90 -19.94
C ASP C 710 12.81 20.49 -18.58
N HIS C 711 12.55 19.79 -17.50
CA HIS C 711 13.00 20.26 -16.19
C HIS C 711 14.49 20.06 -16.02
N LEU C 712 15.03 18.94 -16.51
CA LEU C 712 16.47 18.71 -16.49
C LEU C 712 17.21 19.63 -17.44
N LYS C 713 16.54 20.14 -18.47
CA LYS C 713 17.15 21.14 -19.35
C LYS C 713 17.30 22.47 -18.64
N ASP C 714 16.35 22.82 -17.77
CA ASP C 714 16.46 24.07 -17.02
C ASP C 714 17.55 24.01 -15.96
N ILE C 715 17.80 22.82 -15.40
CA ILE C 715 18.91 22.67 -14.45
C ILE C 715 20.24 22.78 -15.19
N ALA C 716 20.33 22.18 -16.38
CA ALA C 716 21.60 22.14 -17.11
C ALA C 716 22.00 23.50 -17.66
N GLU C 717 21.04 24.36 -17.97
CA GLU C 717 21.39 25.68 -18.48
C GLU C 717 21.80 26.66 -17.38
N ARG C 718 21.54 26.32 -16.12
CA ARG C 718 21.95 27.18 -15.01
C ARG C 718 23.44 27.07 -14.76
#